data_3Q5S
#
_entry.id   3Q5S
#
_cell.length_a   106.407
_cell.length_b   106.407
_cell.length_c   145.571
_cell.angle_alpha   90.00
_cell.angle_beta   90.00
_cell.angle_gamma   90.00
#
_symmetry.space_group_name_H-M   'P 43 2 2'
#
loop_
_entity.id
_entity.type
_entity.pdbx_description
1 polymer 'Multidrug-efflux transporter 1 regulator'
2 polymer '23 bp promoter DNA'
3 non-polymer ACETYLCHOLINE
4 non-polymer GLYCEROL
5 water water
#
loop_
_entity_poly.entity_id
_entity_poly.type
_entity_poly.pdbx_seq_one_letter_code
_entity_poly.pdbx_strand_id
1 'polypeptide(L)'
;MKESYYSIGEVSKLANVSIKALRYYDKIDLFKPAYVDPDTSYRYYTDSQLIHLDLIKSLKYIGTPLEEMKKAQDLEMEEL
FAFYTEQERQIREKLDFLSALEQTISLVKKRMKRQMEYPALGEVFVLDEEEIRIIQTEAEGLGPENVLNASYSKLKKFIE
SADGFTNNSYGATFSFQPYTSIDEMTYRHIFTPVLTNKQISSITPDMEITTIPKGRYACIAYNFSPEHYFLNLQKLIKYI
ADRQLTVVSDVYELIIPIHYSPKKQEEYRVEMKIRILDHHHHHH
;
A
2 'polydeoxyribonucleotide'
;(DG)(DA)(DC)(DC)(DC)(DT)(DC)(DC)(DC)(DC)(DT)(DT)(DA)(DG)(DG)(DG)(DG)(DA)(DG)(DG)
(DG)(DT)(DC)
;
B
#
loop_
_chem_comp.id
_chem_comp.type
_chem_comp.name
_chem_comp.formula
ACH non-polymer ACETYLCHOLINE 'C7 H16 N O2 1'
DA DNA linking 2'-DEOXYADENOSINE-5'-MONOPHOSPHATE 'C10 H14 N5 O6 P'
DC DNA linking 2'-DEOXYCYTIDINE-5'-MONOPHOSPHATE 'C9 H14 N3 O7 P'
DG DNA linking 2'-DEOXYGUANOSINE-5'-MONOPHOSPHATE 'C10 H14 N5 O7 P'
DT DNA linking THYMIDINE-5'-MONOPHOSPHATE 'C10 H15 N2 O8 P'
GOL non-polymer GLYCEROL 'C3 H8 O3'
#
# COMPACT_ATOMS: atom_id res chain seq x y z
CA GLU A 3 27.89 43.61 -25.22
C GLU A 3 26.51 43.18 -25.68
N SER A 4 25.91 42.25 -24.93
CA SER A 4 24.59 41.75 -25.24
C SER A 4 23.84 41.44 -23.95
N TYR A 5 22.78 42.22 -23.67
CA TYR A 5 22.02 42.18 -22.40
C TYR A 5 20.54 41.80 -22.53
N TYR A 6 20.09 40.88 -21.71
CA TYR A 6 18.71 40.40 -21.80
C TYR A 6 17.81 40.86 -20.64
N SER A 7 16.59 41.27 -20.98
CA SER A 7 15.57 41.59 -19.99
C SER A 7 15.01 40.27 -19.46
N ILE A 8 14.36 40.32 -18.30
CA ILE A 8 13.89 39.09 -17.70
C ILE A 8 13.08 38.30 -18.72
N GLY A 9 12.25 39.01 -19.49
CA GLY A 9 11.42 38.36 -20.52
C GLY A 9 12.25 37.67 -21.60
N GLU A 10 13.14 38.44 -22.23
CA GLU A 10 14.06 37.91 -23.20
C GLU A 10 14.63 36.60 -22.67
N VAL A 11 15.17 36.64 -21.45
CA VAL A 11 15.81 35.46 -20.85
C VAL A 11 14.84 34.32 -20.71
N SER A 12 13.65 34.62 -20.19
CA SER A 12 12.62 33.64 -20.00
C SER A 12 12.38 32.88 -21.29
N LYS A 13 12.14 33.63 -22.37
CA LYS A 13 11.84 33.05 -23.65
C LYS A 13 13.04 32.19 -24.02
N LEU A 14 14.20 32.73 -23.72
CA LEU A 14 15.44 32.19 -24.20
C LEU A 14 15.78 30.85 -23.60
N ALA A 15 15.57 30.73 -22.29
CA ALA A 15 15.93 29.54 -21.53
C ALA A 15 14.70 28.68 -21.28
N ASN A 16 13.55 29.23 -21.61
CA ASN A 16 12.32 28.57 -21.30
C ASN A 16 12.17 28.40 -19.83
N VAL A 17 12.18 29.51 -19.12
CA VAL A 17 12.03 29.52 -17.68
C VAL A 17 11.10 30.69 -17.41
N SER A 18 10.13 30.52 -16.50
CA SER A 18 9.12 31.56 -16.26
C SER A 18 9.71 32.78 -15.61
N ILE A 19 9.15 33.93 -15.94
CA ILE A 19 9.62 35.16 -15.35
C ILE A 19 9.56 35.04 -13.83
N LYS A 20 8.46 34.48 -13.35
CA LYS A 20 8.26 34.31 -11.92
C LYS A 20 9.37 33.45 -11.37
N ALA A 21 9.76 32.44 -12.12
CA ALA A 21 10.87 31.58 -11.72
C ALA A 21 12.14 32.38 -11.51
N LEU A 22 12.57 33.07 -12.55
CA LEU A 22 13.77 33.92 -12.51
C LEU A 22 13.74 34.90 -11.34
N ARG A 23 12.66 35.67 -11.21
CA ARG A 23 12.48 36.55 -10.08
C ARG A 23 12.73 35.81 -8.77
N TYR A 24 12.17 34.61 -8.65
CA TYR A 24 12.33 33.82 -7.43
C TYR A 24 13.77 33.45 -7.23
N TYR A 25 14.37 32.87 -8.27
CA TYR A 25 15.75 32.42 -8.20
C TYR A 25 16.67 33.59 -7.89
N ASP A 26 16.17 34.80 -8.12
CA ASP A 26 16.85 36.02 -7.73
C ASP A 26 16.68 36.18 -6.21
N LYS A 27 15.43 36.10 -5.74
CA LYS A 27 15.13 36.21 -4.31
C LYS A 27 16.00 35.31 -3.43
N ILE A 28 16.17 34.06 -3.86
CA ILE A 28 16.90 33.07 -3.06
C ILE A 28 18.40 33.11 -3.34
N ASP A 29 18.81 34.09 -4.16
CA ASP A 29 20.21 34.24 -4.55
C ASP A 29 20.77 32.97 -5.19
N LEU A 30 19.98 32.30 -6.02
CA LEU A 30 20.47 31.12 -6.72
C LEU A 30 20.99 31.54 -8.07
N PHE A 31 20.23 32.45 -8.68
CA PHE A 31 20.58 33.00 -9.98
C PHE A 31 20.11 34.45 -10.01
N LYS A 32 21.05 35.40 -9.87
CA LYS A 32 20.72 36.84 -9.84
C LYS A 32 21.09 37.49 -11.15
N PRO A 33 20.33 38.52 -11.58
CA PRO A 33 20.68 39.25 -12.79
C PRO A 33 22.00 39.97 -12.63
N ALA A 34 22.69 40.15 -13.74
CA ALA A 34 23.97 40.82 -13.73
C ALA A 34 23.80 42.26 -13.31
N TYR A 35 22.64 42.83 -13.62
CA TYR A 35 22.44 44.24 -13.29
C TYR A 35 21.00 44.52 -12.93
N VAL A 36 20.80 45.42 -11.98
CA VAL A 36 19.46 45.91 -11.64
C VAL A 36 19.36 47.43 -11.64
N ASP A 37 18.57 47.94 -12.56
CA ASP A 37 18.48 49.35 -12.74
C ASP A 37 17.95 49.84 -11.44
N PRO A 38 18.69 50.71 -10.77
CA PRO A 38 18.28 51.16 -9.44
C PRO A 38 16.98 51.94 -9.50
N ASP A 39 16.75 52.66 -10.59
CA ASP A 39 15.55 53.47 -10.75
C ASP A 39 14.32 52.59 -10.90
N THR A 40 14.37 51.66 -11.84
CA THR A 40 13.17 50.88 -12.16
C THR A 40 13.17 49.43 -11.66
N SER A 41 14.16 49.08 -10.84
CA SER A 41 14.23 47.73 -10.30
C SER A 41 14.20 46.64 -11.37
N TYR A 42 14.43 47.02 -12.62
CA TYR A 42 14.42 46.10 -13.75
C TYR A 42 15.58 45.14 -13.72
N ARG A 43 15.32 43.87 -14.06
CA ARG A 43 16.38 42.85 -14.04
C ARG A 43 16.91 42.66 -15.44
N TYR A 44 18.23 42.62 -15.54
CA TYR A 44 18.96 42.55 -16.81
C TYR A 44 20.09 41.58 -16.66
N TYR A 45 20.29 40.75 -17.69
CA TYR A 45 21.18 39.58 -17.61
C TYR A 45 22.19 39.58 -18.74
N THR A 46 23.38 39.00 -18.49
CA THR A 46 24.43 38.90 -19.52
C THR A 46 24.32 37.59 -20.29
N ASP A 47 24.75 37.58 -21.54
CA ASP A 47 24.63 36.35 -22.32
C ASP A 47 25.47 35.24 -21.72
N SER A 48 26.69 35.59 -21.33
CA SER A 48 27.62 34.63 -20.68
C SER A 48 27.07 33.94 -19.40
N GLN A 49 26.17 34.65 -18.71
CA GLN A 49 25.48 34.19 -17.53
C GLN A 49 24.55 32.99 -17.74
N LEU A 50 23.89 32.92 -18.88
CA LEU A 50 22.92 31.82 -19.10
C LEU A 50 23.44 30.42 -18.81
N ILE A 51 24.74 30.25 -18.92
CA ILE A 51 25.38 28.98 -18.71
C ILE A 51 24.95 28.35 -17.38
N HIS A 52 24.66 29.19 -16.39
CA HIS A 52 24.31 28.71 -15.06
C HIS A 52 22.97 27.99 -15.03
N LEU A 53 22.00 28.48 -15.79
CA LEU A 53 20.72 27.82 -15.87
C LEU A 53 20.85 26.44 -16.45
N ASP A 54 21.89 26.18 -17.24
CA ASP A 54 22.11 24.82 -17.73
C ASP A 54 21.97 23.82 -16.58
N LEU A 55 22.77 24.05 -15.54
CA LEU A 55 22.73 23.25 -14.33
C LEU A 55 21.44 23.41 -13.55
N ILE A 56 21.05 24.63 -13.25
CA ILE A 56 19.83 24.84 -12.46
C ILE A 56 18.67 24.04 -13.04
N LYS A 57 18.49 24.15 -14.35
CA LYS A 57 17.48 23.41 -15.09
C LYS A 57 17.63 21.90 -15.04
N SER A 58 18.84 21.39 -15.26
CA SER A 58 19.08 19.97 -15.18
C SER A 58 18.72 19.48 -13.78
N LEU A 59 19.36 20.08 -12.77
CA LEU A 59 19.12 19.70 -11.40
C LEU A 59 17.66 19.75 -11.02
N LYS A 60 16.93 20.68 -11.63
CA LYS A 60 15.52 20.81 -11.37
C LYS A 60 14.80 19.61 -11.95
N TYR A 61 15.24 19.15 -13.12
CA TYR A 61 14.58 18.04 -13.81
C TYR A 61 14.73 16.77 -13.00
N ILE A 62 15.94 16.55 -12.48
CA ILE A 62 16.23 15.43 -11.59
C ILE A 62 15.36 15.53 -10.37
N GLY A 63 15.20 16.75 -9.86
CA GLY A 63 14.30 16.99 -8.75
C GLY A 63 14.95 17.55 -7.52
N THR A 64 16.25 17.80 -7.57
CA THR A 64 16.94 18.29 -6.39
C THR A 64 16.38 19.64 -5.94
N PRO A 65 16.16 19.79 -4.64
CA PRO A 65 15.61 21.01 -4.06
C PRO A 65 16.57 22.20 -4.26
N LEU A 66 16.06 23.42 -4.10
CA LEU A 66 16.82 24.62 -4.47
C LEU A 66 18.06 24.89 -3.63
N GLU A 67 17.93 24.82 -2.30
CA GLU A 67 19.11 25.04 -1.45
C GLU A 67 20.14 24.04 -1.89
N GLU A 68 19.69 22.82 -2.18
CA GLU A 68 20.61 21.80 -2.64
C GLU A 68 21.41 22.30 -3.85
N MET A 69 20.71 22.77 -4.88
CA MET A 69 21.39 23.31 -6.07
C MET A 69 22.41 24.37 -5.66
N LYS A 70 21.97 25.28 -4.81
CA LYS A 70 22.78 26.40 -4.36
C LYS A 70 24.17 25.94 -3.90
N LYS A 71 24.24 24.75 -3.33
CA LYS A 71 25.52 24.30 -2.84
C LYS A 71 26.20 23.42 -3.87
N ALA A 72 25.39 22.77 -4.69
CA ALA A 72 25.95 21.92 -5.75
C ALA A 72 26.68 22.74 -6.81
N GLN A 73 26.21 23.96 -7.07
CA GLN A 73 26.80 24.79 -8.11
C GLN A 73 28.20 25.25 -7.78
N ASP A 74 28.59 25.08 -6.52
CA ASP A 74 29.94 25.40 -6.09
C ASP A 74 30.95 24.33 -6.49
N LEU A 75 30.55 23.06 -6.38
CA LEU A 75 31.42 21.93 -6.72
C LEU A 75 32.16 22.06 -8.04
N GLU A 76 33.40 21.59 -8.04
CA GLU A 76 34.19 21.46 -9.27
C GLU A 76 33.86 20.09 -9.82
N MET A 77 34.18 19.85 -11.09
CA MET A 77 33.76 18.64 -11.79
C MET A 77 33.92 17.33 -11.01
N GLU A 78 35.08 17.11 -10.39
CA GLU A 78 35.29 15.89 -9.60
C GLU A 78 34.24 15.82 -8.52
N GLU A 79 34.20 16.87 -7.70
CA GLU A 79 33.24 16.97 -6.61
C GLU A 79 31.82 16.61 -7.09
N LEU A 80 31.40 17.20 -8.21
CA LEU A 80 30.05 17.02 -8.79
C LEU A 80 29.73 15.59 -9.24
N PHE A 81 30.67 14.98 -9.94
CA PHE A 81 30.49 13.62 -10.37
C PHE A 81 29.91 12.79 -9.23
N ALA A 82 30.53 12.92 -8.07
CA ALA A 82 30.09 12.21 -6.87
C ALA A 82 28.62 12.50 -6.59
N PHE A 83 28.29 13.78 -6.49
CA PHE A 83 26.93 14.21 -6.28
C PHE A 83 25.96 13.46 -7.20
N TYR A 84 26.38 13.29 -8.45
CA TYR A 84 25.56 12.62 -9.43
C TYR A 84 25.35 11.16 -9.10
N THR A 85 26.40 10.49 -8.65
CA THR A 85 26.25 9.09 -8.23
C THR A 85 25.27 9.02 -7.06
N GLU A 86 25.31 10.01 -6.17
CA GLU A 86 24.35 10.08 -5.09
C GLU A 86 22.95 10.12 -5.67
N GLN A 87 22.71 11.12 -6.50
CA GLN A 87 21.43 11.19 -7.12
C GLN A 87 21.00 9.83 -7.69
N GLU A 88 21.92 9.13 -8.36
CA GLU A 88 21.63 7.82 -8.91
C GLU A 88 21.01 6.89 -7.89
N ARG A 89 21.72 6.64 -6.78
CA ARG A 89 21.23 5.67 -5.79
C ARG A 89 19.80 6.00 -5.38
N GLN A 90 19.57 7.28 -5.04
CA GLN A 90 18.23 7.80 -4.72
C GLN A 90 17.19 7.41 -5.76
N ILE A 91 17.54 7.59 -7.03
CA ILE A 91 16.68 7.13 -8.11
C ILE A 91 16.37 5.63 -7.95
N ARG A 92 17.39 4.77 -7.90
CA ARG A 92 17.18 3.33 -7.72
C ARG A 92 16.34 2.97 -6.48
N GLU A 93 16.54 3.69 -5.38
CA GLU A 93 15.64 3.58 -4.25
C GLU A 93 14.20 3.76 -4.74
N LYS A 94 13.89 4.93 -5.29
CA LYS A 94 12.53 5.19 -5.78
C LYS A 94 12.06 4.01 -6.62
N LEU A 95 12.80 3.68 -7.67
CA LEU A 95 12.40 2.61 -8.59
C LEU A 95 12.02 1.32 -7.86
N ASP A 96 12.91 0.89 -6.96
CA ASP A 96 12.63 -0.29 -6.15
C ASP A 96 11.27 -0.15 -5.47
N PHE A 97 11.12 0.93 -4.70
CA PHE A 97 9.86 1.21 -4.03
C PHE A 97 8.67 1.16 -4.99
N LEU A 98 8.76 1.87 -6.11
CA LEU A 98 7.67 1.97 -7.07
C LEU A 98 7.24 0.63 -7.65
N SER A 99 8.21 -0.20 -8.03
CA SER A 99 7.89 -1.48 -8.65
C SER A 99 7.38 -2.48 -7.61
N ALA A 100 7.81 -2.30 -6.36
CA ALA A 100 7.22 -3.06 -5.26
C ALA A 100 5.75 -2.68 -5.24
N LEU A 101 5.50 -1.36 -5.24
CA LEU A 101 4.17 -0.80 -5.25
C LEU A 101 3.34 -1.27 -6.45
N GLU A 102 3.99 -1.39 -7.61
CA GLU A 102 3.32 -1.89 -8.80
C GLU A 102 2.79 -3.31 -8.52
N GLN A 103 3.64 -4.18 -7.95
CA GLN A 103 3.26 -5.59 -7.72
C GLN A 103 2.14 -5.67 -6.71
N THR A 104 2.29 -4.99 -5.61
CA THR A 104 1.33 -5.15 -4.58
C THR A 104 -0.01 -4.81 -5.13
N ILE A 105 -0.13 -3.67 -5.76
CA ILE A 105 -1.41 -3.35 -6.36
C ILE A 105 -1.96 -4.46 -7.25
N SER A 106 -1.17 -4.94 -8.20
CA SER A 106 -1.63 -5.98 -9.13
C SER A 106 -2.31 -7.10 -8.38
N LEU A 107 -1.75 -7.42 -7.21
CA LEU A 107 -2.23 -8.49 -6.34
C LEU A 107 -3.45 -8.05 -5.54
N VAL A 108 -3.45 -6.81 -5.07
CA VAL A 108 -4.61 -6.24 -4.40
C VAL A 108 -5.78 -6.33 -5.36
N LYS A 109 -5.54 -6.04 -6.64
CA LYS A 109 -6.57 -6.16 -7.66
C LYS A 109 -6.97 -7.61 -7.89
N LYS A 110 -5.99 -8.51 -8.03
CA LYS A 110 -6.29 -9.94 -8.19
C LYS A 110 -7.20 -10.43 -7.04
N ARG A 111 -6.84 -10.08 -5.79
CA ARG A 111 -7.61 -10.49 -4.61
C ARG A 111 -9.01 -9.88 -4.60
N MET A 112 -9.06 -8.61 -4.99
CA MET A 112 -10.28 -7.83 -5.03
C MET A 112 -11.22 -8.35 -6.12
N LYS A 113 -10.64 -8.96 -7.16
CA LYS A 113 -11.41 -9.45 -8.27
C LYS A 113 -12.09 -10.78 -7.96
N ARG A 114 -11.33 -11.73 -7.40
CA ARG A 114 -11.91 -13.02 -7.09
C ARG A 114 -13.19 -12.80 -6.30
N GLN A 115 -13.25 -11.68 -5.57
CA GLN A 115 -14.35 -11.37 -4.69
C GLN A 115 -15.59 -10.84 -5.40
N MET A 116 -15.35 -10.13 -6.50
CA MET A 116 -16.43 -9.57 -7.29
C MET A 116 -16.95 -10.57 -8.31
N GLU A 117 -16.30 -11.72 -8.37
CA GLU A 117 -16.72 -12.76 -9.28
C GLU A 117 -16.74 -14.06 -8.54
N TYR A 118 -17.68 -14.19 -7.64
CA TYR A 118 -17.83 -15.37 -6.81
C TYR A 118 -19.11 -16.06 -7.21
N PRO A 119 -19.11 -17.35 -7.42
CA PRO A 119 -20.19 -17.98 -8.17
C PRO A 119 -21.53 -17.63 -7.61
N ALA A 120 -21.75 -17.74 -6.32
CA ALA A 120 -22.97 -17.19 -5.78
C ALA A 120 -22.90 -16.99 -4.30
N LEU A 121 -23.80 -16.13 -3.81
CA LEU A 121 -23.84 -15.79 -2.41
C LEU A 121 -24.72 -16.71 -1.61
N GLY A 122 -24.48 -16.77 -0.30
CA GLY A 122 -25.27 -17.65 0.59
C GLY A 122 -25.36 -19.08 0.10
N GLU A 123 -24.46 -19.46 -0.81
CA GLU A 123 -24.48 -20.82 -1.31
C GLU A 123 -23.11 -21.40 -1.13
N VAL A 124 -23.06 -22.70 -0.88
CA VAL A 124 -21.82 -23.36 -0.57
C VAL A 124 -21.20 -23.93 -1.82
N PHE A 125 -19.96 -23.55 -2.08
CA PHE A 125 -19.25 -24.02 -3.26
C PHE A 125 -17.92 -24.62 -2.84
N VAL A 126 -17.51 -25.65 -3.57
CA VAL A 126 -16.26 -26.33 -3.28
C VAL A 126 -15.29 -26.03 -4.40
N LEU A 127 -14.11 -25.51 -4.07
CA LEU A 127 -13.19 -25.15 -5.12
C LEU A 127 -11.69 -25.26 -4.80
N ASP A 128 -10.90 -25.32 -5.88
CA ASP A 128 -9.47 -25.48 -5.80
C ASP A 128 -8.86 -24.12 -5.56
N GLU A 129 -8.28 -23.94 -4.39
CA GLU A 129 -7.74 -22.66 -3.99
C GLU A 129 -6.24 -22.58 -4.07
N GLU A 130 -5.75 -21.36 -4.26
CA GLU A 130 -4.33 -21.09 -4.26
C GLU A 130 -3.95 -20.75 -2.82
N GLU A 131 -2.66 -20.86 -2.51
CA GLU A 131 -2.16 -20.64 -1.15
C GLU A 131 -2.18 -19.17 -0.83
N ILE A 132 -2.42 -18.82 0.43
CA ILE A 132 -2.43 -17.40 0.90
C ILE A 132 -1.62 -17.14 2.17
N ARG A 133 -0.46 -16.49 2.04
CA ARG A 133 0.36 -16.24 3.23
C ARG A 133 -0.33 -15.24 4.13
N ILE A 134 -0.06 -15.34 5.41
CA ILE A 134 -0.71 -14.48 6.39
C ILE A 134 0.14 -14.36 7.65
N ILE A 135 -0.16 -13.35 8.44
CA ILE A 135 0.40 -13.22 9.76
C ILE A 135 -0.76 -13.46 10.71
N GLN A 136 -0.54 -14.30 11.72
CA GLN A 136 -1.61 -14.57 12.65
C GLN A 136 -1.10 -14.50 14.06
N THR A 137 -2.00 -14.66 15.02
CA THR A 137 -1.66 -14.55 16.43
C THR A 137 -2.77 -15.15 17.31
N GLU A 138 -2.40 -15.76 18.43
CA GLU A 138 -3.40 -16.42 19.25
C GLU A 138 -4.47 -15.42 19.62
N ALA A 139 -5.74 -15.80 19.43
CA ALA A 139 -6.87 -14.96 19.83
C ALA A 139 -7.25 -15.44 21.19
N GLU A 140 -6.94 -14.68 22.22
CA GLU A 140 -7.13 -15.22 23.57
C GLU A 140 -8.58 -15.22 24.01
N GLY A 141 -9.23 -16.38 23.84
CA GLY A 141 -10.64 -16.54 24.12
C GLY A 141 -11.39 -15.37 23.51
N LEU A 142 -11.35 -15.31 22.19
CA LEU A 142 -11.98 -14.21 21.50
C LEU A 142 -13.00 -14.82 20.58
N GLY A 143 -14.26 -14.47 20.79
CA GLY A 143 -15.33 -14.99 19.95
C GLY A 143 -15.72 -13.94 18.94
N PRO A 144 -16.45 -14.34 17.90
CA PRO A 144 -16.95 -13.43 16.87
C PRO A 144 -17.82 -12.42 17.54
N GLU A 145 -18.26 -12.75 18.74
CA GLU A 145 -19.10 -11.86 19.50
C GLU A 145 -18.43 -10.56 19.89
N ASN A 146 -17.19 -10.62 20.36
CA ASN A 146 -16.52 -9.43 20.87
C ASN A 146 -15.17 -9.11 20.25
N VAL A 147 -14.96 -9.46 18.99
CA VAL A 147 -13.70 -9.17 18.33
C VAL A 147 -13.74 -7.71 17.98
N LEU A 148 -12.59 -7.06 18.06
CA LEU A 148 -12.53 -5.62 17.73
C LEU A 148 -11.59 -5.37 16.59
N ASN A 149 -11.67 -4.18 16.03
CA ASN A 149 -10.69 -3.79 15.04
C ASN A 149 -9.42 -3.54 15.85
N ALA A 150 -9.58 -2.93 17.02
CA ALA A 150 -8.43 -2.68 17.91
C ALA A 150 -7.67 -3.96 18.21
N SER A 151 -8.34 -5.11 18.08
CA SER A 151 -7.68 -6.38 18.33
C SER A 151 -6.64 -6.71 17.28
N TYR A 152 -6.70 -6.03 16.13
CA TYR A 152 -5.81 -6.36 15.04
C TYR A 152 -4.61 -5.47 14.94
N SER A 153 -4.59 -4.40 15.72
CA SER A 153 -3.59 -3.36 15.56
C SER A 153 -2.13 -3.80 15.41
N LYS A 154 -1.62 -4.66 16.31
CA LYS A 154 -0.24 -5.11 16.18
C LYS A 154 -0.06 -5.84 14.83
N LEU A 155 -0.98 -6.72 14.50
CA LEU A 155 -0.88 -7.37 13.21
C LEU A 155 -0.80 -6.32 12.15
N LYS A 156 -1.76 -5.42 12.12
CA LYS A 156 -1.75 -4.36 11.13
C LYS A 156 -0.42 -3.56 11.12
N LYS A 157 0.22 -3.39 12.27
CA LYS A 157 1.52 -2.75 12.31
C LYS A 157 2.54 -3.45 11.44
N PHE A 158 2.77 -4.73 11.69
CA PHE A 158 3.77 -5.49 10.95
C PHE A 158 3.43 -5.58 9.50
N ILE A 159 2.16 -5.74 9.21
CA ILE A 159 1.68 -5.69 7.83
C ILE A 159 2.04 -4.34 7.21
N GLU A 160 1.61 -3.25 7.85
CA GLU A 160 1.92 -1.92 7.36
C GLU A 160 3.40 -1.69 7.06
N SER A 161 4.26 -2.07 7.99
CA SER A 161 5.68 -1.91 7.76
C SER A 161 6.10 -2.69 6.50
N ALA A 162 5.73 -3.96 6.39
CA ALA A 162 6.21 -4.78 5.27
C ALA A 162 5.60 -4.41 3.94
N ASP A 163 4.27 -4.44 3.88
CA ASP A 163 3.55 -4.19 2.63
C ASP A 163 3.43 -2.71 2.32
N GLY A 164 3.34 -1.91 3.38
CA GLY A 164 3.10 -0.49 3.27
C GLY A 164 1.63 -0.22 3.00
N PHE A 165 0.91 -1.28 2.69
CA PHE A 165 -0.43 -1.17 2.15
C PHE A 165 -1.38 -1.96 3.06
N THR A 166 -2.06 -1.30 3.99
CA THR A 166 -2.94 -2.01 4.94
C THR A 166 -4.00 -2.84 4.25
N ASN A 167 -3.85 -4.16 4.39
CA ASN A 167 -4.81 -5.07 3.80
C ASN A 167 -6.22 -4.83 4.32
N ASN A 168 -7.12 -4.81 3.38
CA ASN A 168 -8.49 -4.64 3.65
C ASN A 168 -8.96 -5.75 4.55
N SER A 169 -8.50 -6.96 4.29
CA SER A 169 -9.04 -8.21 4.88
C SER A 169 -8.81 -8.50 6.35
N TYR A 170 -9.84 -8.89 7.06
CA TYR A 170 -9.63 -9.38 8.41
C TYR A 170 -9.97 -10.85 8.53
N GLY A 171 -9.08 -11.60 9.14
CA GLY A 171 -9.32 -13.01 9.24
C GLY A 171 -9.26 -13.50 10.66
N ALA A 172 -9.98 -14.59 10.89
CA ALA A 172 -9.91 -15.35 12.13
C ALA A 172 -10.24 -16.79 11.79
N THR A 173 -9.80 -17.75 12.61
CA THR A 173 -10.05 -19.16 12.34
C THR A 173 -10.59 -19.84 13.58
N PHE A 174 -11.34 -20.92 13.40
CA PHE A 174 -11.84 -21.67 14.57
C PHE A 174 -12.07 -23.16 14.28
N SER A 175 -12.22 -23.94 15.35
CA SER A 175 -12.33 -25.39 15.24
C SER A 175 -13.65 -25.78 14.63
N PHE A 176 -13.60 -26.58 13.56
CA PHE A 176 -14.82 -27.00 12.88
C PHE A 176 -15.60 -27.97 13.74
N GLN A 177 -16.74 -27.50 14.26
CA GLN A 177 -17.57 -28.27 15.20
C GLN A 177 -19.05 -28.16 14.87
N PRO A 178 -19.85 -29.12 15.39
CA PRO A 178 -21.31 -29.03 15.21
C PRO A 178 -21.86 -28.03 16.19
N TYR A 179 -21.43 -26.78 16.05
CA TYR A 179 -21.87 -25.70 16.93
C TYR A 179 -23.39 -25.65 16.88
N THR A 180 -23.98 -25.12 17.95
CA THR A 180 -25.41 -24.93 17.97
C THR A 180 -25.76 -23.46 18.22
N SER A 181 -24.77 -22.65 18.58
CA SER A 181 -24.98 -21.23 18.83
C SER A 181 -23.69 -20.43 18.86
N ILE A 182 -23.78 -19.14 18.55
CA ILE A 182 -22.60 -18.34 18.39
C ILE A 182 -21.70 -18.38 19.63
N ASP A 183 -22.27 -18.45 20.83
CA ASP A 183 -21.43 -18.33 22.01
C ASP A 183 -20.63 -19.58 22.31
N GLU A 184 -20.99 -20.70 21.68
CA GLU A 184 -20.09 -21.85 21.75
C GLU A 184 -18.80 -21.57 20.96
N MET A 185 -18.87 -20.70 19.95
CA MET A 185 -17.73 -20.36 19.07
C MET A 185 -16.67 -19.49 19.71
N THR A 186 -15.41 -19.94 19.65
CA THR A 186 -14.26 -19.10 19.99
C THR A 186 -13.15 -19.24 18.95
N TYR A 187 -12.51 -18.12 18.62
CA TYR A 187 -11.48 -18.10 17.59
C TYR A 187 -10.21 -18.67 18.18
N ARG A 188 -9.47 -19.38 17.33
CA ARG A 188 -8.22 -19.92 17.76
C ARG A 188 -7.13 -18.97 17.46
N HIS A 189 -6.99 -18.55 16.22
CA HIS A 189 -6.12 -17.43 15.90
C HIS A 189 -6.90 -16.41 15.09
N ILE A 190 -6.35 -15.21 15.01
CA ILE A 190 -6.86 -14.19 14.11
C ILE A 190 -5.66 -13.80 13.26
N PHE A 191 -5.90 -13.28 12.05
CA PHE A 191 -4.78 -13.09 11.13
C PHE A 191 -5.12 -12.09 10.08
N THR A 192 -4.10 -11.65 9.35
CA THR A 192 -4.26 -10.76 8.21
C THR A 192 -3.39 -11.25 7.08
N PRO A 193 -3.97 -11.42 5.89
CA PRO A 193 -3.16 -11.88 4.77
C PRO A 193 -1.98 -10.93 4.52
N VAL A 194 -0.81 -11.49 4.28
CA VAL A 194 0.35 -10.70 3.90
C VAL A 194 0.44 -10.66 2.37
N LEU A 195 0.96 -9.56 1.82
CA LEU A 195 1.04 -9.34 0.36
C LEU A 195 2.46 -9.29 -0.22
N THR A 196 3.46 -9.18 0.66
CA THR A 196 4.79 -8.83 0.22
C THR A 196 5.89 -9.75 0.72
N ASN A 197 6.99 -9.75 -0.02
CA ASN A 197 8.15 -10.56 0.34
C ASN A 197 9.28 -9.75 0.98
N LYS A 198 9.01 -8.49 1.28
CA LYS A 198 10.02 -7.69 1.94
C LYS A 198 10.20 -8.38 3.27
N GLN A 199 11.43 -8.57 3.72
CA GLN A 199 11.60 -9.26 4.99
C GLN A 199 10.89 -8.40 6.03
N ILE A 200 10.08 -9.04 6.86
CA ILE A 200 9.40 -8.31 7.91
C ILE A 200 10.49 -7.88 8.87
N SER A 201 10.45 -6.63 9.31
CA SER A 201 11.50 -6.20 10.25
C SER A 201 11.24 -6.50 11.70
N SER A 202 12.20 -7.09 12.38
CA SER A 202 12.11 -7.16 13.80
C SER A 202 10.78 -7.70 14.23
N ILE A 203 10.40 -8.87 13.76
CA ILE A 203 9.10 -9.41 14.10
C ILE A 203 9.15 -10.13 15.47
N THR A 204 8.15 -9.88 16.31
CA THR A 204 8.09 -10.53 17.62
C THR A 204 7.64 -11.98 17.54
N PRO A 205 7.85 -12.71 18.63
CA PRO A 205 7.69 -14.14 18.58
C PRO A 205 6.26 -14.58 18.83
N ASP A 206 5.39 -13.61 19.04
CA ASP A 206 3.99 -13.91 19.23
C ASP A 206 3.27 -13.76 17.89
N MET A 207 4.04 -13.68 16.82
CA MET A 207 3.46 -13.56 15.49
C MET A 207 3.92 -14.75 14.68
N GLU A 208 2.99 -15.59 14.28
CA GLU A 208 3.37 -16.65 13.40
C GLU A 208 3.11 -16.17 11.99
N ILE A 209 4.13 -16.30 11.16
CA ILE A 209 3.96 -16.13 9.74
C ILE A 209 3.66 -17.51 9.28
N THR A 210 2.54 -17.68 8.61
CA THR A 210 2.12 -19.00 8.18
C THR A 210 1.14 -18.78 7.07
N THR A 211 0.58 -19.84 6.49
CA THR A 211 -0.27 -19.69 5.33
C THR A 211 -1.49 -20.52 5.30
N ILE A 212 -2.45 -20.14 4.47
CA ILE A 212 -3.66 -20.92 4.28
C ILE A 212 -3.34 -21.78 3.07
N PRO A 213 -3.03 -23.05 3.32
CA PRO A 213 -2.41 -23.90 2.30
C PRO A 213 -3.24 -24.00 1.02
N LYS A 214 -2.60 -24.30 -0.10
CA LYS A 214 -3.40 -24.56 -1.29
C LYS A 214 -4.10 -25.89 -1.07
N GLY A 215 -5.26 -26.08 -1.70
CA GLY A 215 -6.04 -27.33 -1.54
C GLY A 215 -7.53 -27.12 -1.81
N ARG A 216 -8.34 -28.14 -1.55
CA ARG A 216 -9.77 -28.00 -1.84
C ARG A 216 -10.52 -27.43 -0.68
N TYR A 217 -11.25 -26.35 -0.94
CA TYR A 217 -12.01 -25.71 0.11
C TYR A 217 -13.51 -25.71 -0.16
N ALA A 218 -14.27 -26.11 0.84
CA ALA A 218 -15.71 -25.87 0.85
C ALA A 218 -15.85 -24.43 1.36
N CYS A 219 -16.50 -23.60 0.57
CA CYS A 219 -16.59 -22.19 0.91
C CYS A 219 -18.01 -21.67 0.82
N ILE A 220 -18.19 -20.44 1.33
CA ILE A 220 -19.47 -19.75 1.26
C ILE A 220 -19.18 -18.27 1.50
N ALA A 221 -19.85 -17.41 0.77
CA ALA A 221 -19.55 -16.00 0.84
C ALA A 221 -20.86 -15.27 0.77
N TYR A 222 -21.00 -14.22 1.56
CA TYR A 222 -22.22 -13.47 1.59
C TYR A 222 -21.94 -12.11 2.09
N ASN A 223 -22.99 -11.30 2.16
CA ASN A 223 -22.84 -9.99 2.71
C ASN A 223 -23.37 -10.00 4.12
N PHE A 224 -22.70 -9.30 5.02
CA PHE A 224 -23.04 -9.40 6.42
C PHE A 224 -24.41 -8.88 6.81
N SER A 225 -25.08 -9.72 7.59
CA SER A 225 -26.31 -9.40 8.29
C SER A 225 -26.40 -10.45 9.39
N PRO A 226 -26.65 -10.01 10.62
CA PRO A 226 -26.53 -10.90 11.78
C PRO A 226 -27.37 -12.17 11.69
N GLU A 227 -28.66 -12.05 11.37
CA GLU A 227 -29.49 -13.25 11.22
C GLU A 227 -28.75 -14.28 10.34
N HIS A 228 -28.14 -13.78 9.26
CA HIS A 228 -27.48 -14.62 8.28
C HIS A 228 -26.19 -15.31 8.73
N TYR A 229 -25.44 -14.72 9.63
CA TYR A 229 -24.12 -15.25 9.94
C TYR A 229 -24.09 -16.64 10.44
N PHE A 230 -24.91 -16.97 11.40
CA PHE A 230 -24.86 -18.30 11.90
C PHE A 230 -25.52 -19.29 10.96
N LEU A 231 -26.53 -18.84 10.23
CA LEU A 231 -27.22 -19.75 9.31
C LEU A 231 -26.23 -20.25 8.28
N ASN A 232 -25.53 -19.31 7.64
CA ASN A 232 -24.51 -19.66 6.66
C ASN A 232 -23.51 -20.65 7.23
N LEU A 233 -23.07 -20.43 8.47
CA LEU A 233 -22.23 -21.40 9.12
C LEU A 233 -22.87 -22.79 9.05
N GLN A 234 -24.12 -22.85 9.51
CA GLN A 234 -24.88 -24.08 9.55
C GLN A 234 -24.97 -24.71 8.20
N LYS A 235 -25.20 -23.87 7.19
CA LYS A 235 -25.21 -24.33 5.81
C LYS A 235 -23.94 -25.11 5.49
N LEU A 236 -22.80 -24.63 5.98
CA LEU A 236 -21.52 -25.20 5.63
C LEU A 236 -21.39 -26.55 6.30
N ILE A 237 -21.72 -26.56 7.59
CA ILE A 237 -21.61 -27.78 8.35
C ILE A 237 -22.49 -28.82 7.72
N LYS A 238 -23.65 -28.41 7.25
CA LYS A 238 -24.54 -29.35 6.61
C LYS A 238 -23.90 -29.90 5.32
N TYR A 239 -23.46 -29.00 4.43
CA TYR A 239 -22.89 -29.44 3.16
C TYR A 239 -21.91 -30.57 3.39
N ILE A 240 -21.02 -30.36 4.33
CA ILE A 240 -19.97 -31.32 4.65
C ILE A 240 -20.57 -32.59 5.26
N ALA A 241 -21.46 -32.40 6.22
CA ALA A 241 -22.11 -33.54 6.84
C ALA A 241 -22.72 -34.45 5.79
N ASP A 242 -23.52 -33.88 4.88
CA ASP A 242 -24.18 -34.67 3.84
C ASP A 242 -23.18 -35.46 3.02
N ARG A 243 -22.20 -34.79 2.43
CA ARG A 243 -21.18 -35.50 1.64
C ARG A 243 -20.21 -36.41 2.42
N GLN A 244 -20.19 -36.28 3.72
CA GLN A 244 -19.36 -37.14 4.51
C GLN A 244 -17.94 -36.67 4.40
N LEU A 245 -17.76 -35.58 3.68
CA LEU A 245 -16.43 -35.08 3.36
C LEU A 245 -15.64 -34.89 4.59
N THR A 246 -14.34 -35.05 4.45
CA THR A 246 -13.46 -35.10 5.59
C THR A 246 -12.61 -33.83 5.71
N VAL A 247 -12.80 -33.10 6.81
CA VAL A 247 -12.22 -31.75 7.02
C VAL A 247 -10.79 -31.85 7.52
N VAL A 248 -9.93 -30.91 7.07
CA VAL A 248 -8.53 -30.96 7.50
C VAL A 248 -7.89 -29.64 7.95
N SER A 249 -8.71 -28.62 8.23
CA SER A 249 -8.23 -27.33 8.72
C SER A 249 -9.32 -26.70 9.56
N ASP A 250 -8.99 -25.60 10.23
CA ASP A 250 -10.04 -24.82 10.87
C ASP A 250 -10.99 -24.25 9.82
N VAL A 251 -11.98 -23.52 10.32
CA VAL A 251 -12.79 -22.72 9.44
C VAL A 251 -12.10 -21.38 9.36
N TYR A 252 -11.92 -20.91 8.14
CA TYR A 252 -11.35 -19.62 7.95
C TYR A 252 -12.45 -18.64 7.66
N GLU A 253 -12.46 -17.56 8.44
CA GLU A 253 -13.42 -16.49 8.27
C GLU A 253 -12.68 -15.24 7.78
N LEU A 254 -13.13 -14.66 6.66
CA LEU A 254 -12.57 -13.41 6.15
C LEU A 254 -13.63 -12.35 5.98
N ILE A 255 -13.37 -11.19 6.54
CA ILE A 255 -14.28 -10.07 6.52
C ILE A 255 -13.63 -8.95 5.78
N ILE A 256 -14.24 -8.51 4.70
CA ILE A 256 -13.70 -7.38 3.95
C ILE A 256 -14.79 -6.39 3.58
N PRO A 257 -14.62 -5.10 3.98
CA PRO A 257 -15.58 -4.04 3.66
C PRO A 257 -15.84 -3.95 2.18
N ILE A 258 -16.98 -3.39 1.83
CA ILE A 258 -17.34 -3.26 0.43
C ILE A 258 -17.09 -1.82 -0.01
N HIS A 259 -17.03 -0.94 0.99
CA HIS A 259 -16.83 0.47 0.78
C HIS A 259 -16.33 1.05 2.09
N TYR A 260 -15.72 2.23 1.99
CA TYR A 260 -15.18 2.89 3.15
C TYR A 260 -15.84 4.24 3.35
N SER A 261 -16.98 4.44 2.72
CA SER A 261 -17.70 5.70 2.90
C SER A 261 -18.27 5.78 4.29
N PRO A 262 -17.96 6.88 4.99
CA PRO A 262 -18.57 7.15 6.29
C PRO A 262 -19.94 7.77 6.06
N LYS A 263 -20.25 8.05 4.81
CA LYS A 263 -21.51 8.68 4.46
C LYS A 263 -22.62 7.68 4.13
N LYS A 264 -22.29 6.39 4.14
CA LYS A 264 -23.27 5.33 3.84
C LYS A 264 -23.23 4.25 4.93
N GLN A 265 -24.27 3.39 4.96
CA GLN A 265 -24.39 2.30 5.94
C GLN A 265 -23.25 1.34 5.71
N GLU A 266 -22.47 1.02 6.74
CA GLU A 266 -21.33 0.13 6.52
C GLU A 266 -21.78 -1.26 6.12
N GLU A 267 -21.18 -1.80 5.05
CA GLU A 267 -21.44 -3.18 4.64
C GLU A 267 -20.16 -4.01 4.46
N TYR A 268 -20.23 -5.30 4.76
CA TYR A 268 -19.02 -6.11 4.70
C TYR A 268 -19.25 -7.38 3.89
N ARG A 269 -18.18 -7.95 3.33
CA ARG A 269 -18.28 -9.31 2.80
C ARG A 269 -17.62 -10.34 3.70
N VAL A 270 -18.27 -11.49 3.85
CA VAL A 270 -17.76 -12.54 4.69
C VAL A 270 -17.54 -13.75 3.82
N GLU A 271 -16.45 -14.48 4.08
CA GLU A 271 -16.18 -15.75 3.42
C GLU A 271 -15.71 -16.73 4.46
N MET A 272 -16.42 -17.84 4.62
CA MET A 272 -15.92 -18.98 5.41
C MET A 272 -15.41 -20.07 4.47
N LYS A 273 -14.16 -20.45 4.67
CA LYS A 273 -13.52 -21.46 3.83
C LYS A 273 -13.22 -22.59 4.75
N ILE A 274 -13.09 -23.80 4.19
CA ILE A 274 -12.54 -24.91 4.97
C ILE A 274 -12.04 -26.04 4.11
N ARG A 275 -10.89 -26.57 4.45
CA ARG A 275 -10.23 -27.52 3.55
C ARG A 275 -10.64 -28.97 3.75
N ILE A 276 -10.79 -29.67 2.64
CA ILE A 276 -11.18 -31.06 2.68
C ILE A 276 -10.28 -31.91 1.78
N LEU A 277 -10.52 -33.23 1.80
CA LEU A 277 -9.61 -34.15 1.16
C LEU A 277 -10.10 -34.59 -0.22
N1 ACH C . -14.18 -10.04 12.30
C2 ACH C . -13.56 -8.95 13.13
C3 ACH C . -13.31 -7.58 12.44
O4 ACH C . -14.43 -6.72 12.65
C5 ACH C . -15.27 -6.20 11.54
O7 ACH C . -16.49 -6.08 11.69
C6 ACH C . -14.60 -5.83 10.25
C8 ACH C . -14.89 -11.00 13.16
C9 ACH C . -13.16 -10.83 11.57
C10 ACH C . -15.19 -9.50 11.40
C1 GOL D . -29.98 -27.27 10.66
O1 GOL D . -28.67 -27.79 10.41
C2 GOL D . -30.54 -26.37 9.52
O2 GOL D . -31.77 -25.73 9.89
C3 GOL D . -29.55 -25.27 9.07
O3 GOL D . -29.01 -25.50 7.76
#